data_9RIS
#
_entry.id   9RIS
#
_cell.length_a   105.270
_cell.length_b   110.170
_cell.length_c   36.140
_cell.angle_alpha   90.00
_cell.angle_beta   90.00
_cell.angle_gamma   90.00
#
_symmetry.space_group_name_H-M   'P 21 21 2'
#
loop_
_entity.id
_entity.type
_entity.pdbx_description
1 polymer 'Indoleamine 2,3-dioxygenase 1'
2 non-polymer 'TRIETHYLENE GLYCOL'
3 non-polymer '[(1~{R},2~{S},6~{S},8~{R})-4-(4-~{tert}-butylphenyl)sulfonyl-9,9-dimethyl-4-azatricyclo[6.1.1.0^{2,6}]decan-2-yl]methyl ~{N}-(4-methylphenyl)carbamate'
4 water water
#
_entity_poly.entity_id   1
_entity_poly.type   'polypeptide(L)'
_entity_poly.pdbx_seq_one_letter_code
;GPLGSGIQMENSWTISKEYHIDEEVGFALPNPQENLPDFYNDWMFIAKHLPDLIESGQLRERVEKLNMLSIDHLTDHKSQ
RLARLVLGCITMAYVWGKGHGDVRKVLPRNIAVPYCQLSKKLELPPILVYADCVLANWKKKDPNKPLTYENMDVLFSFRD
GDCSKGFFLVSLLVEIAAASAIKVIPTVFKAMQMQERDTLLKALLEIASCLEKALQVFHQIHDHVNPKAFFSVLRIYLSG
WKGNPQLSDGLVYEGFWEDPKEFAGGSAGQSSVFQCFDVLLGIQQTAGGGHAAQFLQDMRRYMPPAHRNFLCSLESNPSV
REFVLSKGDAGLREAYDACVKALVSLRSYHLQIVTKYILIPASQQPKENKTSEDPSKLEAKGTGGTDLMNFLKTVRSTTE
KSLL
;
_entity_poly.pdbx_strand_id   A
#
loop_
_chem_comp.id
_chem_comp.type
_chem_comp.name
_chem_comp.formula
A1JGL non-polymer '[(1~{R},2~{S},6~{S},8~{R})-4-(4-~{tert}-butylphenyl)sulfonyl-9,9-dimethyl-4-azatricyclo[6.1.1.0^{2,6}]decan-2-yl]methyl ~{N}-(4-methylphenyl)carbamate' 'C30 H40 N2 O4 S'
PGE non-polymer 'TRIETHYLENE GLYCOL' 'C6 H14 O4'
#
# COMPACT_ATOMS: atom_id res chain seq x y z
N GLY A 6 21.21 12.72 1.83
CA GLY A 6 20.15 12.91 0.87
C GLY A 6 18.79 13.08 1.53
N ILE A 7 18.64 12.54 2.73
CA ILE A 7 17.38 12.62 3.46
C ILE A 7 17.27 14.01 4.06
N GLN A 8 16.29 14.78 3.61
CA GLN A 8 15.99 16.08 4.23
C GLN A 8 15.48 15.86 5.65
N MET A 9 16.00 16.64 6.59
CA MET A 9 15.69 16.49 8.01
C MET A 9 14.83 17.64 8.49
N GLU A 10 13.82 17.31 9.29
CA GLU A 10 13.05 18.35 9.98
C GLU A 10 13.88 19.00 11.07
N ASN A 11 14.54 18.20 11.91
CA ASN A 11 15.49 18.69 12.89
C ASN A 11 16.60 17.65 13.00
N SER A 12 17.36 17.69 14.09
CA SER A 12 18.51 16.79 14.23
C SER A 12 18.09 15.34 14.42
N TRP A 13 16.83 15.07 14.69
CA TRP A 13 16.38 13.72 15.01
C TRP A 13 15.39 13.13 14.01
N THR A 14 14.53 13.94 13.41
CA THR A 14 13.34 13.45 12.71
C THR A 14 13.36 13.93 11.27
N ILE A 15 13.07 13.01 10.34
CA ILE A 15 13.14 13.32 8.91
C ILE A 15 12.10 14.38 8.57
N SER A 16 12.22 14.97 7.39
CA SER A 16 11.34 16.08 7.02
C SER A 16 9.90 15.63 6.91
N LYS A 17 8.99 16.52 7.28
CA LYS A 17 7.57 16.25 7.18
C LYS A 17 7.09 16.19 5.74
N GLU A 18 7.90 16.63 4.77
CA GLU A 18 7.51 16.58 3.37
C GLU A 18 7.49 15.16 2.83
N TYR A 19 8.14 14.22 3.51
CA TYR A 19 8.08 12.82 3.11
C TYR A 19 6.77 12.14 3.54
N HIS A 20 6.01 12.76 4.44
CA HIS A 20 4.72 12.22 4.88
CA HIS A 20 4.73 12.23 4.90
C HIS A 20 4.88 10.82 5.47
N ILE A 21 5.89 10.66 6.32
CA ILE A 21 6.16 9.39 6.98
C ILE A 21 5.97 9.61 8.47
N ASP A 22 4.95 8.96 9.04
CA ASP A 22 4.61 9.11 10.44
C ASP A 22 5.54 8.26 11.31
N GLU A 23 5.86 8.78 12.49
CA GLU A 23 6.74 8.05 13.39
C GLU A 23 6.10 6.77 13.90
N GLU A 24 4.78 6.77 14.07
CA GLU A 24 4.07 5.62 14.62
C GLU A 24 3.57 4.66 13.56
N VAL A 25 3.07 5.15 12.42
CA VAL A 25 2.46 4.29 11.41
C VAL A 25 3.23 4.28 10.09
N GLY A 26 4.34 5.01 10.00
CA GLY A 26 5.23 4.88 8.84
C GLY A 26 4.60 5.41 7.55
N PHE A 27 4.61 4.56 6.52
CA PHE A 27 4.01 4.94 5.24
C PHE A 27 2.49 5.00 5.30
N ALA A 28 1.87 4.44 6.34
CA ALA A 28 0.42 4.53 6.48
C ALA A 28 0.01 5.97 6.78
N LEU A 29 -1.24 6.28 6.43
CA LEU A 29 -1.80 7.59 6.74
C LEU A 29 -2.21 7.63 8.21
N PRO A 30 -1.69 8.55 9.01
CA PRO A 30 -2.08 8.59 10.43
C PRO A 30 -3.53 8.99 10.60
N ASN A 31 -4.20 8.34 11.54
CA ASN A 31 -5.59 8.63 11.91
C ASN A 31 -6.41 9.04 10.71
N PRO A 32 -6.70 8.11 9.81
CA PRO A 32 -7.40 8.50 8.57
C PRO A 32 -8.75 9.12 8.87
N GLN A 33 -9.15 10.05 8.00
CA GLN A 33 -10.50 10.60 8.06
C GLN A 33 -11.51 9.52 7.70
N GLU A 34 -12.60 9.47 8.48
CA GLU A 34 -13.65 8.48 8.28
CA GLU A 34 -13.65 8.48 8.28
C GLU A 34 -14.89 9.05 7.61
N ASN A 35 -15.16 10.33 7.79
CA ASN A 35 -16.35 10.98 7.25
C ASN A 35 -15.96 12.12 6.33
N LEU A 36 -16.64 12.21 5.21
CA LEU A 36 -16.55 13.35 4.32
C LEU A 36 -17.56 14.43 4.72
N PRO A 37 -17.39 15.65 4.24
CA PRO A 37 -18.42 16.67 4.47
C PRO A 37 -19.78 16.19 3.98
N ASP A 38 -20.84 16.78 4.56
CA ASP A 38 -22.19 16.39 4.18
C ASP A 38 -22.39 16.47 2.67
N PHE A 39 -21.73 17.42 2.01
CA PHE A 39 -21.86 17.61 0.57
C PHE A 39 -21.66 16.29 -0.19
N TYR A 40 -20.86 15.38 0.36
CA TYR A 40 -20.49 14.15 -0.31
C TYR A 40 -21.23 12.93 0.22
N ASN A 41 -22.41 13.12 0.80
CA ASN A 41 -23.09 12.00 1.45
C ASN A 41 -23.50 10.93 0.45
N ASP A 42 -23.81 11.29 -0.80
CA ASP A 42 -24.20 10.27 -1.77
C ASP A 42 -23.02 9.37 -2.14
N TRP A 43 -21.82 9.94 -2.22
CA TRP A 43 -20.64 9.10 -2.41
C TRP A 43 -20.48 8.12 -1.26
N MET A 44 -20.56 8.65 -0.03
CA MET A 44 -20.29 7.84 1.15
C MET A 44 -21.31 6.71 1.30
N PHE A 45 -22.57 6.98 0.93
CA PHE A 45 -23.59 5.94 1.03
C PHE A 45 -23.27 4.76 0.12
N ILE A 46 -22.94 5.03 -1.14
CA ILE A 46 -22.61 3.95 -2.06
C ILE A 46 -21.43 3.14 -1.53
N ALA A 47 -20.35 3.84 -1.14
CA ALA A 47 -19.14 3.14 -0.72
C ALA A 47 -19.38 2.32 0.52
N LYS A 48 -20.17 2.85 1.47
CA LYS A 48 -20.45 2.10 2.69
C LYS A 48 -21.43 0.95 2.46
N HIS A 49 -22.16 0.98 1.34
CA HIS A 49 -23.10 -0.07 1.01
C HIS A 49 -22.66 -0.92 -0.18
N LEU A 50 -21.39 -0.84 -0.57
CA LEU A 50 -20.92 -1.62 -1.71
C LEU A 50 -21.28 -3.09 -1.61
N PRO A 51 -21.13 -3.77 -0.47
CA PRO A 51 -21.45 -5.21 -0.44
C PRO A 51 -22.88 -5.50 -0.88
N ASP A 52 -23.87 -4.86 -0.25
CA ASP A 52 -25.25 -5.18 -0.58
C ASP A 52 -25.66 -4.62 -1.94
N LEU A 53 -25.01 -3.55 -2.40
CA LEU A 53 -25.37 -2.97 -3.71
C LEU A 53 -24.85 -3.85 -4.84
N ILE A 54 -23.67 -4.45 -4.69
CA ILE A 54 -23.17 -5.37 -5.70
C ILE A 54 -23.99 -6.65 -5.70
N GLU A 55 -24.23 -7.21 -4.50
CA GLU A 55 -24.95 -8.48 -4.40
C GLU A 55 -26.32 -8.38 -5.03
N SER A 56 -26.99 -7.25 -4.86
CA SER A 56 -28.35 -7.05 -5.37
C SER A 56 -28.37 -6.54 -6.81
N GLY A 57 -27.21 -6.36 -7.43
CA GLY A 57 -27.17 -5.85 -8.79
C GLY A 57 -27.55 -4.39 -8.92
N GLN A 58 -27.51 -3.64 -7.82
CA GLN A 58 -27.99 -2.26 -7.80
C GLN A 58 -26.89 -1.23 -7.96
N LEU A 59 -25.63 -1.64 -7.79
CA LEU A 59 -24.53 -0.67 -7.72
C LEU A 59 -24.48 0.21 -8.97
N ARG A 60 -24.46 -0.41 -10.16
CA ARG A 60 -24.17 0.34 -11.37
C ARG A 60 -25.22 1.42 -11.63
N GLU A 61 -26.50 1.08 -11.47
CA GLU A 61 -27.54 2.07 -11.74
C GLU A 61 -27.57 3.15 -10.67
N ARG A 62 -27.22 2.80 -9.44
CA ARG A 62 -27.10 3.80 -8.39
C ARG A 62 -25.98 4.79 -8.71
N VAL A 63 -24.86 4.29 -9.26
CA VAL A 63 -23.78 5.16 -9.69
C VAL A 63 -24.22 6.05 -10.85
N GLU A 64 -24.97 5.47 -11.79
CA GLU A 64 -25.41 6.21 -12.97
C GLU A 64 -26.40 7.32 -12.62
N LYS A 65 -27.01 7.26 -11.45
CA LYS A 65 -27.95 8.29 -11.01
C LYS A 65 -27.29 9.40 -10.21
N LEU A 66 -26.05 9.21 -9.74
CA LEU A 66 -25.36 10.23 -8.97
C LEU A 66 -25.35 11.55 -9.73
N ASN A 67 -25.29 12.65 -8.98
CA ASN A 67 -25.03 13.97 -9.52
C ASN A 67 -23.53 14.27 -9.52
N MET A 68 -23.16 15.30 -10.28
CA MET A 68 -21.78 15.74 -10.29
C MET A 68 -21.48 16.53 -9.01
N LEU A 69 -20.51 16.05 -8.23
CA LEU A 69 -20.09 16.69 -7.00
C LEU A 69 -18.68 17.23 -7.19
N SER A 70 -18.50 18.53 -6.98
CA SER A 70 -17.19 19.14 -7.12
C SER A 70 -16.27 18.71 -5.98
N ILE A 71 -14.96 18.63 -6.30
CA ILE A 71 -13.97 18.27 -5.30
C ILE A 71 -13.43 19.47 -4.55
N ASP A 72 -13.95 20.66 -4.81
CA ASP A 72 -13.40 21.87 -4.22
C ASP A 72 -13.56 21.90 -2.70
N HIS A 73 -14.51 21.14 -2.14
CA HIS A 73 -14.77 21.16 -0.71
C HIS A 73 -13.87 20.20 0.07
N LEU A 74 -13.08 19.39 -0.62
CA LEU A 74 -12.08 18.53 0.02
C LEU A 74 -10.83 19.38 0.17
N THR A 75 -10.67 20.01 1.32
CA THR A 75 -9.72 21.10 1.50
C THR A 75 -8.40 20.69 2.09
N ASP A 76 -8.24 19.45 2.55
CA ASP A 76 -7.03 19.02 3.20
C ASP A 76 -6.63 17.64 2.69
N HIS A 77 -5.41 17.23 3.02
CA HIS A 77 -4.87 15.97 2.50
C HIS A 77 -5.74 14.79 2.92
N LYS A 78 -6.18 14.75 4.19
CA LYS A 78 -6.89 13.58 4.68
C LYS A 78 -8.27 13.45 4.03
N SER A 79 -8.98 14.57 3.85
CA SER A 79 -10.28 14.51 3.21
C SER A 79 -10.15 14.10 1.74
N GLN A 80 -9.07 14.51 1.07
CA GLN A 80 -8.86 14.11 -0.32
C GLN A 80 -8.48 12.64 -0.41
N ARG A 81 -7.71 12.13 0.55
CA ARG A 81 -7.36 10.72 0.56
C ARG A 81 -8.55 9.84 0.87
N LEU A 82 -9.45 10.31 1.76
CA LEU A 82 -10.69 9.59 2.00
C LEU A 82 -11.56 9.55 0.74
N ALA A 83 -11.69 10.68 0.06
CA ALA A 83 -12.48 10.73 -1.17
C ALA A 83 -11.91 9.83 -2.24
N ARG A 84 -10.58 9.78 -2.35
CA ARG A 84 -9.96 8.87 -3.31
C ARG A 84 -10.30 7.42 -2.99
N LEU A 85 -10.31 7.07 -1.70
CA LEU A 85 -10.66 5.71 -1.30
C LEU A 85 -12.11 5.41 -1.66
N VAL A 86 -13.02 6.34 -1.38
CA VAL A 86 -14.43 6.17 -1.73
C VAL A 86 -14.60 5.96 -3.23
N LEU A 87 -14.21 6.97 -4.02
CA LEU A 87 -14.37 6.90 -5.46
C LEU A 87 -13.60 5.73 -6.06
N GLY A 88 -12.48 5.35 -5.43
CA GLY A 88 -11.72 4.22 -5.92
C GLY A 88 -12.47 2.91 -5.73
N CYS A 89 -13.05 2.72 -4.55
CA CYS A 89 -13.83 1.49 -4.31
C CYS A 89 -15.06 1.43 -5.19
N ILE A 90 -15.78 2.56 -5.31
CA ILE A 90 -16.93 2.62 -6.20
C ILE A 90 -16.52 2.26 -7.61
N THR A 91 -15.38 2.80 -8.07
CA THR A 91 -14.94 2.55 -9.43
C THR A 91 -14.65 1.07 -9.66
N MET A 92 -13.92 0.44 -8.73
CA MET A 92 -13.63 -0.99 -8.90
C MET A 92 -14.92 -1.78 -8.94
N ALA A 93 -15.86 -1.46 -8.05
CA ALA A 93 -17.14 -2.16 -8.02
C ALA A 93 -17.95 -1.91 -9.30
N TYR A 94 -17.83 -0.72 -9.89
CA TYR A 94 -18.61 -0.43 -11.09
C TYR A 94 -18.05 -1.17 -12.29
N VAL A 95 -16.73 -1.17 -12.46
CA VAL A 95 -16.14 -1.81 -13.63
C VAL A 95 -16.38 -3.32 -13.60
N TRP A 96 -16.08 -3.95 -12.48
CA TRP A 96 -16.12 -5.40 -12.41
C TRP A 96 -17.47 -5.98 -12.01
N GLY A 97 -18.34 -5.19 -11.39
CA GLY A 97 -19.64 -5.72 -11.00
C GLY A 97 -19.49 -6.91 -10.07
N LYS A 98 -20.23 -7.98 -10.36
CA LYS A 98 -20.15 -9.20 -9.57
C LYS A 98 -18.96 -10.07 -9.92
N GLY A 99 -18.15 -9.66 -10.89
CA GLY A 99 -16.94 -10.38 -11.22
C GLY A 99 -17.14 -11.65 -12.02
N HIS A 100 -18.28 -11.79 -12.69
CA HIS A 100 -18.55 -12.99 -13.48
C HIS A 100 -18.13 -12.83 -14.94
N GLY A 101 -17.89 -11.60 -15.39
CA GLY A 101 -17.51 -11.36 -16.76
C GLY A 101 -18.22 -10.18 -17.39
N ASP A 102 -19.31 -9.74 -16.77
CA ASP A 102 -20.06 -8.57 -17.24
C ASP A 102 -19.33 -7.33 -16.75
N VAL A 103 -18.43 -6.80 -17.58
CA VAL A 103 -17.59 -5.68 -17.21
C VAL A 103 -18.12 -4.41 -17.86
N ARG A 104 -17.77 -3.27 -17.28
N ARG A 104 -17.75 -3.28 -17.29
CA ARG A 104 -18.09 -1.97 -17.83
CA ARG A 104 -18.09 -1.95 -17.81
C ARG A 104 -16.82 -1.30 -18.33
C ARG A 104 -16.82 -1.30 -18.33
N LYS A 105 -16.83 -0.88 -19.59
CA LYS A 105 -15.67 -0.28 -20.22
C LYS A 105 -15.72 1.24 -20.24
N VAL A 106 -16.76 1.85 -19.66
CA VAL A 106 -16.86 3.29 -19.53
C VAL A 106 -17.28 3.62 -18.11
N LEU A 107 -16.52 4.49 -17.45
CA LEU A 107 -16.86 4.96 -16.12
C LEU A 107 -17.67 6.25 -16.24
N PRO A 108 -18.90 6.29 -15.73
CA PRO A 108 -19.73 7.50 -15.91
C PRO A 108 -19.00 8.75 -15.44
N ARG A 109 -19.31 9.88 -16.09
CA ARG A 109 -18.54 11.09 -15.86
C ARG A 109 -18.69 11.59 -14.43
N ASN A 110 -19.88 11.46 -13.84
CA ASN A 110 -20.10 12.01 -12.51
C ASN A 110 -19.27 11.33 -11.44
N ILE A 111 -18.62 10.23 -11.76
CA ILE A 111 -17.57 9.65 -10.93
C ILE A 111 -16.20 9.89 -11.53
N ALA A 112 -16.07 9.72 -12.85
CA ALA A 112 -14.75 9.75 -13.48
C ALA A 112 -14.09 11.11 -13.36
N VAL A 113 -14.85 12.18 -13.55
CA VAL A 113 -14.28 13.52 -13.59
C VAL A 113 -13.76 13.89 -12.20
N PRO A 114 -14.58 13.83 -11.14
CA PRO A 114 -14.04 14.15 -9.81
C PRO A 114 -13.00 13.17 -9.34
N TYR A 115 -13.09 11.89 -9.73
CA TYR A 115 -12.07 10.93 -9.38
C TYR A 115 -10.74 11.26 -10.04
N CYS A 116 -10.77 11.60 -11.33
CA CYS A 116 -9.54 11.89 -12.05
C CYS A 116 -8.95 13.24 -11.64
N GLN A 117 -9.80 14.19 -11.26
CA GLN A 117 -9.30 15.48 -10.78
C GLN A 117 -8.63 15.32 -9.42
N LEU A 118 -9.23 14.54 -8.53
CA LEU A 118 -8.61 14.27 -7.24
C LEU A 118 -7.29 13.53 -7.42
N SER A 119 -7.28 12.52 -8.29
CA SER A 119 -6.05 11.77 -8.52
C SER A 119 -4.96 12.69 -9.08
N LYS A 120 -5.34 13.66 -9.89
CA LYS A 120 -4.38 14.64 -10.41
C LYS A 120 -3.77 15.46 -9.28
N LYS A 121 -4.60 15.94 -8.35
CA LYS A 121 -4.09 16.70 -7.21
C LYS A 121 -3.07 15.87 -6.43
N LEU A 122 -3.38 14.60 -6.16
CA LEU A 122 -2.53 13.74 -5.35
C LEU A 122 -1.44 13.06 -6.16
N GLU A 123 -1.42 13.23 -7.48
CA GLU A 123 -0.45 12.58 -8.35
CA GLU A 123 -0.45 12.57 -8.36
C GLU A 123 -0.48 11.06 -8.17
N LEU A 124 -1.69 10.51 -8.17
CA LEU A 124 -1.89 9.07 -8.11
C LEU A 124 -2.72 8.62 -9.30
N PRO A 125 -2.51 7.42 -9.83
CA PRO A 125 -3.31 6.97 -10.97
C PRO A 125 -4.77 6.83 -10.59
N PRO A 126 -5.69 7.05 -11.55
CA PRO A 126 -7.14 6.95 -11.25
C PRO A 126 -7.61 5.49 -11.17
N ILE A 127 -7.08 4.77 -10.20
CA ILE A 127 -7.43 3.37 -9.94
C ILE A 127 -7.08 3.10 -8.50
N LEU A 128 -7.73 2.11 -7.89
CA LEU A 128 -7.48 1.83 -6.48
C LEU A 128 -6.05 1.32 -6.31
N VAL A 129 -5.32 1.91 -5.36
CA VAL A 129 -3.95 1.53 -5.08
C VAL A 129 -3.79 1.19 -3.60
N TYR A 130 -2.65 0.58 -3.28
CA TYR A 130 -2.34 0.21 -1.89
C TYR A 130 -2.55 1.36 -0.92
N ALA A 131 -2.14 2.57 -1.31
CA ALA A 131 -2.25 3.71 -0.41
C ALA A 131 -3.69 4.06 -0.09
N ASP A 132 -4.63 3.66 -0.96
CA ASP A 132 -6.05 3.84 -0.66
C ASP A 132 -6.59 2.73 0.25
N CYS A 133 -6.66 1.50 -0.27
CA CYS A 133 -7.39 0.42 0.39
C CYS A 133 -6.67 -0.17 1.59
N VAL A 134 -5.41 0.19 1.83
CA VAL A 134 -4.72 -0.27 3.04
C VAL A 134 -4.27 0.94 3.86
N LEU A 135 -3.39 1.78 3.28
CA LEU A 135 -2.72 2.79 4.09
C LEU A 135 -3.70 3.82 4.64
N ALA A 136 -4.83 4.05 3.97
CA ALA A 136 -5.81 5.03 4.43
C ALA A 136 -7.17 4.42 4.75
N ASN A 137 -7.29 3.09 4.79
CA ASN A 137 -8.58 2.43 4.88
C ASN A 137 -8.75 1.76 6.23
N TRP A 138 -8.64 2.54 7.31
CA TRP A 138 -8.61 1.95 8.64
C TRP A 138 -8.98 2.97 9.69
N LYS A 139 -9.39 2.46 10.84
CA LYS A 139 -9.75 3.28 11.99
C LYS A 139 -9.49 2.49 13.26
N LYS A 140 -9.36 3.22 14.36
CA LYS A 140 -9.32 2.61 15.68
C LYS A 140 -10.74 2.54 16.23
N LYS A 141 -11.15 1.34 16.66
CA LYS A 141 -12.41 1.21 17.38
C LYS A 141 -12.42 2.09 18.61
N ASP A 142 -11.38 1.97 19.44
CA ASP A 142 -11.25 2.75 20.68
C ASP A 142 -10.01 3.62 20.56
N PRO A 143 -10.15 4.95 20.50
CA PRO A 143 -8.94 5.79 20.32
C PRO A 143 -7.92 5.64 21.42
N ASN A 144 -8.33 5.19 22.61
CA ASN A 144 -7.45 5.09 23.77
C ASN A 144 -6.73 3.75 23.86
N LYS A 145 -6.98 2.83 22.95
CA LYS A 145 -6.35 1.52 22.96
C LYS A 145 -5.34 1.40 21.82
N PRO A 146 -4.37 0.52 21.95
CA PRO A 146 -3.28 0.46 20.95
C PRO A 146 -3.76 -0.07 19.61
N LEU A 147 -2.85 0.03 18.64
CA LEU A 147 -3.11 -0.42 17.27
C LEU A 147 -2.99 -1.93 17.21
N THR A 148 -4.13 -2.61 17.38
CA THR A 148 -4.20 -4.06 17.28
C THR A 148 -5.37 -4.42 16.39
N TYR A 149 -5.34 -5.65 15.85
CA TYR A 149 -6.46 -6.12 15.03
C TYR A 149 -7.76 -5.98 15.81
N GLU A 150 -7.76 -6.44 17.05
CA GLU A 150 -8.92 -6.36 17.91
C GLU A 150 -9.47 -4.94 17.99
N ASN A 151 -8.59 -3.94 18.00
CA ASN A 151 -8.98 -2.56 18.19
C ASN A 151 -9.02 -1.77 16.89
N MET A 152 -9.16 -2.45 15.75
CA MET A 152 -9.12 -1.76 14.47
C MET A 152 -10.15 -2.33 13.52
N ASP A 153 -10.48 -1.54 12.50
CA ASP A 153 -11.42 -1.94 11.47
C ASP A 153 -11.10 -1.19 10.19
N VAL A 154 -11.50 -1.77 9.06
CA VAL A 154 -11.38 -1.08 7.78
C VAL A 154 -12.56 -0.14 7.64
N LEU A 155 -12.48 0.77 6.67
CA LEU A 155 -13.58 1.68 6.40
C LEU A 155 -14.49 1.16 5.29
N PHE A 156 -13.94 0.39 4.35
CA PHE A 156 -14.71 -0.02 3.18
C PHE A 156 -14.34 -1.43 2.78
N SER A 157 -15.35 -2.16 2.34
CA SER A 157 -15.19 -3.51 1.82
CA SER A 157 -15.19 -3.52 1.83
C SER A 157 -16.00 -3.62 0.55
N PHE A 158 -15.71 -4.65 -0.25
CA PHE A 158 -16.40 -4.86 -1.53
C PHE A 158 -17.55 -5.86 -1.45
N ARG A 159 -17.33 -7.04 -0.90
CA ARG A 159 -18.37 -8.06 -0.78
C ARG A 159 -18.34 -8.64 0.62
N ASP A 160 -19.51 -8.90 1.20
CA ASP A 160 -19.57 -9.60 2.48
C ASP A 160 -18.87 -10.95 2.32
N GLY A 161 -17.89 -11.20 3.19
CA GLY A 161 -17.12 -12.42 3.13
C GLY A 161 -15.93 -12.38 2.20
N ASP A 162 -15.60 -11.21 1.62
CA ASP A 162 -14.41 -11.13 0.78
C ASP A 162 -13.13 -11.06 1.60
N CYS A 163 -13.25 -11.06 2.93
CA CYS A 163 -12.10 -11.04 3.84
C CYS A 163 -11.26 -9.79 3.68
N SER A 164 -11.91 -8.66 3.34
CA SER A 164 -11.16 -7.42 3.10
C SER A 164 -10.59 -6.86 4.41
N LYS A 165 -11.27 -7.08 5.54
CA LYS A 165 -10.71 -6.64 6.81
C LYS A 165 -9.42 -7.40 7.11
N GLY A 166 -9.49 -8.74 7.08
CA GLY A 166 -8.30 -9.53 7.34
C GLY A 166 -7.14 -9.16 6.41
N PHE A 167 -7.43 -9.11 5.12
CA PHE A 167 -6.37 -8.86 4.14
C PHE A 167 -5.77 -7.47 4.31
N PHE A 168 -6.62 -6.43 4.34
CA PHE A 168 -6.12 -5.07 4.39
C PHE A 168 -5.49 -4.74 5.75
N LEU A 169 -6.12 -5.21 6.85
CA LEU A 169 -5.64 -4.81 8.18
C LEU A 169 -4.36 -5.53 8.56
N VAL A 170 -4.24 -6.81 8.23
CA VAL A 170 -2.97 -7.49 8.49
C VAL A 170 -1.86 -6.82 7.70
N SER A 171 -2.12 -6.48 6.43
CA SER A 171 -1.15 -5.71 5.66
C SER A 171 -0.78 -4.43 6.40
N LEU A 172 -1.79 -3.67 6.82
CA LEU A 172 -1.54 -2.41 7.50
C LEU A 172 -0.68 -2.62 8.74
N LEU A 173 -1.00 -3.64 9.54
CA LEU A 173 -0.23 -3.89 10.77
C LEU A 173 1.20 -4.32 10.46
N VAL A 174 1.43 -4.91 9.29
CA VAL A 174 2.81 -5.13 8.87
C VAL A 174 3.50 -3.79 8.57
N GLU A 175 2.80 -2.89 7.88
CA GLU A 175 3.36 -1.56 7.61
C GLU A 175 3.67 -0.83 8.92
N ILE A 176 2.80 -0.98 9.92
CA ILE A 176 3.00 -0.27 11.18
C ILE A 176 4.19 -0.86 11.93
N ALA A 177 4.33 -2.19 11.93
CA ALA A 177 5.51 -2.79 12.53
C ALA A 177 6.78 -2.26 11.87
N ALA A 178 6.78 -2.16 10.54
CA ALA A 178 7.94 -1.63 9.84
C ALA A 178 8.20 -0.18 10.16
N ALA A 179 7.16 0.56 10.59
CA ALA A 179 7.35 1.97 10.95
C ALA A 179 8.41 2.12 12.03
N SER A 180 8.41 1.21 13.01
CA SER A 180 9.38 1.29 14.10
CA SER A 180 9.38 1.29 14.09
C SER A 180 10.81 1.11 13.59
N ALA A 181 10.98 0.54 12.40
CA ALA A 181 12.31 0.41 11.80
C ALA A 181 12.65 1.64 10.97
N ILE A 182 11.66 2.22 10.29
CA ILE A 182 11.90 3.38 9.44
C ILE A 182 12.41 4.55 10.28
N LYS A 183 11.90 4.68 11.50
CA LYS A 183 12.28 5.80 12.36
C LYS A 183 13.74 5.74 12.77
N VAL A 184 14.38 4.56 12.66
CA VAL A 184 15.78 4.42 13.02
C VAL A 184 16.72 4.79 11.89
N ILE A 185 16.20 5.00 10.68
CA ILE A 185 17.06 5.19 9.52
C ILE A 185 18.00 6.40 9.69
N PRO A 186 17.52 7.57 10.11
CA PRO A 186 18.46 8.68 10.33
C PRO A 186 19.56 8.34 11.33
N THR A 187 19.29 7.48 12.31
CA THR A 187 20.34 7.09 13.24
C THR A 187 21.43 6.30 12.54
N VAL A 188 21.05 5.44 11.58
CA VAL A 188 22.05 4.66 10.85
C VAL A 188 23.05 5.58 10.16
N PHE A 189 22.55 6.58 9.42
CA PHE A 189 23.44 7.43 8.65
C PHE A 189 24.24 8.38 9.53
N LYS A 190 23.63 8.86 10.62
CA LYS A 190 24.37 9.66 11.58
C LYS A 190 25.55 8.87 12.15
N ALA A 191 25.28 7.63 12.61
CA ALA A 191 26.34 6.84 13.20
C ALA A 191 27.46 6.56 12.21
N MET A 192 27.16 6.54 10.91
CA MET A 192 28.20 6.32 9.92
C MET A 192 29.09 7.55 9.78
N GLN A 193 28.50 8.75 9.72
CA GLN A 193 29.32 9.95 9.62
C GLN A 193 30.13 10.18 10.89
N MET A 194 29.57 9.82 12.05
CA MET A 194 30.22 9.99 13.34
C MET A 194 31.14 8.82 13.70
N GLN A 195 31.13 7.75 12.91
CA GLN A 195 31.94 6.57 13.18
C GLN A 195 31.65 6.01 14.56
N GLU A 196 30.35 5.94 14.90
CA GLU A 196 29.87 5.39 16.16
C GLU A 196 29.51 3.93 15.93
N ARG A 197 30.42 3.03 16.30
CA ARG A 197 30.20 1.60 16.10
C ARG A 197 28.94 1.13 16.80
N ASP A 198 28.84 1.39 18.10
CA ASP A 198 27.70 0.89 18.88
C ASP A 198 26.40 1.49 18.41
N THR A 199 26.39 2.78 18.07
CA THR A 199 25.16 3.42 17.62
C THR A 199 24.66 2.78 16.33
N LEU A 200 25.57 2.53 15.38
CA LEU A 200 25.19 1.85 14.16
C LEU A 200 24.73 0.42 14.43
N LEU A 201 25.45 -0.28 15.31
CA LEU A 201 25.12 -1.67 15.61
C LEU A 201 23.71 -1.78 16.19
N LYS A 202 23.40 -0.92 17.15
CA LYS A 202 22.09 -0.99 17.81
C LYS A 202 20.98 -0.51 16.88
N ALA A 203 21.30 0.42 15.98
CA ALA A 203 20.32 0.83 14.98
C ALA A 203 19.98 -0.34 14.06
N LEU A 204 21.01 -1.04 13.57
CA LEU A 204 20.77 -2.14 12.66
C LEU A 204 20.03 -3.29 13.33
N LEU A 205 20.34 -3.56 14.60
CA LEU A 205 19.62 -4.61 15.31
C LEU A 205 18.18 -4.21 15.62
N GLU A 206 17.93 -2.91 15.86
CA GLU A 206 16.56 -2.46 16.05
C GLU A 206 15.76 -2.61 14.78
N ILE A 207 16.36 -2.27 13.64
CA ILE A 207 15.67 -2.45 12.36
C ILE A 207 15.39 -3.93 12.11
N ALA A 208 16.36 -4.80 12.39
CA ALA A 208 16.14 -6.23 12.22
C ALA A 208 15.02 -6.72 13.13
N SER A 209 15.01 -6.25 14.39
CA SER A 209 13.99 -6.70 15.33
C SER A 209 12.61 -6.27 14.88
N CYS A 210 12.50 -5.08 14.29
CA CYS A 210 11.18 -4.60 13.87
C CYS A 210 10.71 -5.33 12.62
N LEU A 211 11.63 -5.64 11.70
CA LEU A 211 11.24 -6.39 10.49
C LEU A 211 10.85 -7.83 10.83
N GLU A 212 11.50 -8.42 11.85
CA GLU A 212 11.12 -9.76 12.29
C GLU A 212 9.74 -9.75 12.94
N LYS A 213 9.47 -8.75 13.78
CA LYS A 213 8.11 -8.58 14.30
C LYS A 213 7.11 -8.39 13.16
N ALA A 214 7.53 -7.68 12.09
CA ALA A 214 6.64 -7.49 10.96
C ALA A 214 6.30 -8.82 10.30
N LEU A 215 7.26 -9.75 10.25
CA LEU A 215 6.94 -11.07 9.72
C LEU A 215 5.94 -11.79 10.62
N GLN A 216 6.12 -11.72 11.94
CA GLN A 216 5.19 -12.38 12.84
CA GLN A 216 5.19 -12.37 12.85
C GLN A 216 3.79 -11.81 12.69
N VAL A 217 3.66 -10.51 12.39
CA VAL A 217 2.35 -9.94 12.10
C VAL A 217 1.81 -10.50 10.79
N PHE A 218 2.69 -10.63 9.78
CA PHE A 218 2.28 -11.19 8.50
C PHE A 218 1.63 -12.57 8.68
N HIS A 219 2.14 -13.35 9.65
CA HIS A 219 1.60 -14.69 9.88
C HIS A 219 0.10 -14.65 10.17
N GLN A 220 -0.40 -13.56 10.74
CA GLN A 220 -1.80 -13.47 11.09
C GLN A 220 -2.73 -13.58 9.88
N ILE A 221 -2.21 -13.47 8.65
CA ILE A 221 -3.07 -13.44 7.47
C ILE A 221 -3.93 -14.70 7.41
N HIS A 222 -3.36 -15.85 7.75
CA HIS A 222 -4.09 -17.10 7.62
C HIS A 222 -5.30 -17.16 8.54
N ASP A 223 -5.30 -16.41 9.64
CA ASP A 223 -6.40 -16.46 10.59
C ASP A 223 -7.57 -15.58 10.19
N HIS A 224 -7.41 -14.67 9.24
CA HIS A 224 -8.46 -13.73 8.88
C HIS A 224 -8.75 -13.69 7.38
N VAL A 225 -8.08 -14.50 6.58
CA VAL A 225 -8.31 -14.55 5.14
C VAL A 225 -8.40 -16.02 4.74
N ASN A 226 -9.44 -16.34 3.96
CA ASN A 226 -9.68 -17.67 3.42
C ASN A 226 -9.20 -17.71 1.98
N PRO A 227 -8.37 -18.70 1.60
CA PRO A 227 -7.86 -18.71 0.22
C PRO A 227 -8.93 -18.59 -0.86
N LYS A 228 -10.01 -19.36 -0.74
CA LYS A 228 -11.04 -19.38 -1.78
C LYS A 228 -11.72 -18.03 -1.91
N ALA A 229 -12.10 -17.42 -0.78
CA ALA A 229 -12.75 -16.12 -0.83
C ALA A 229 -11.83 -15.05 -1.39
N PHE A 230 -10.52 -15.15 -1.10
CA PHE A 230 -9.58 -14.18 -1.64
C PHE A 230 -9.48 -14.32 -3.16
N PHE A 231 -9.18 -15.52 -3.64
CA PHE A 231 -8.91 -15.69 -5.06
C PHE A 231 -10.16 -15.51 -5.91
N SER A 232 -11.33 -15.86 -5.38
CA SER A 232 -12.55 -15.85 -6.17
CA SER A 232 -12.55 -15.85 -6.17
C SER A 232 -13.34 -14.55 -6.03
N VAL A 233 -13.11 -13.78 -4.98
CA VAL A 233 -13.90 -12.56 -4.76
C VAL A 233 -13.01 -11.34 -4.65
N LEU A 234 -12.22 -11.25 -3.58
CA LEU A 234 -11.48 -10.02 -3.31
C LEU A 234 -10.51 -9.70 -4.45
N ARG A 235 -9.84 -10.71 -5.00
CA ARG A 235 -8.85 -10.49 -6.05
C ARG A 235 -9.48 -9.79 -7.24
N ILE A 236 -10.76 -10.05 -7.51
CA ILE A 236 -11.42 -9.43 -8.64
C ILE A 236 -11.34 -7.91 -8.54
N TYR A 237 -11.70 -7.35 -7.38
CA TYR A 237 -11.79 -5.90 -7.24
C TYR A 237 -10.44 -5.23 -7.08
N LEU A 238 -9.38 -6.01 -6.85
CA LEU A 238 -8.02 -5.48 -6.89
C LEU A 238 -7.39 -5.63 -8.26
N SER A 239 -8.12 -6.12 -9.26
CA SER A 239 -7.60 -6.28 -10.60
C SER A 239 -7.78 -4.99 -11.40
N GLY A 240 -6.86 -4.75 -12.33
CA GLY A 240 -6.82 -3.53 -13.09
C GLY A 240 -7.13 -3.72 -14.57
N TRP A 241 -6.88 -2.66 -15.34
CA TRP A 241 -7.10 -2.66 -16.77
C TRP A 241 -5.82 -2.21 -17.49
N LYS A 242 -4.77 -3.03 -17.35
CA LYS A 242 -3.53 -2.84 -18.08
C LYS A 242 -3.02 -4.22 -18.45
N GLY A 243 -3.06 -4.54 -19.74
CA GLY A 243 -2.78 -5.89 -20.17
C GLY A 243 -3.85 -6.88 -19.79
N ASN A 244 -5.07 -6.40 -19.53
CA ASN A 244 -6.17 -7.27 -19.16
C ASN A 244 -7.02 -7.55 -20.38
N PRO A 245 -7.14 -8.82 -20.83
CA PRO A 245 -7.93 -9.09 -22.05
C PRO A 245 -9.39 -8.68 -21.93
N GLN A 246 -9.92 -8.49 -20.73
CA GLN A 246 -11.30 -8.07 -20.57
C GLN A 246 -11.48 -6.57 -20.79
N LEU A 247 -10.38 -5.79 -20.71
CA LEU A 247 -10.37 -4.36 -20.99
C LEU A 247 -9.08 -4.11 -21.78
N SER A 248 -9.01 -4.69 -22.97
CA SER A 248 -7.77 -4.74 -23.73
C SER A 248 -7.20 -3.36 -24.00
N ASP A 249 -8.04 -2.36 -24.19
CA ASP A 249 -7.59 -0.99 -24.44
C ASP A 249 -7.64 -0.12 -23.18
N GLY A 250 -8.16 -0.64 -22.09
CA GLY A 250 -8.28 0.12 -20.86
C GLY A 250 -9.70 0.60 -20.63
N LEU A 251 -9.81 1.57 -19.73
CA LEU A 251 -11.08 2.11 -19.28
C LEU A 251 -11.25 3.53 -19.78
N VAL A 252 -12.46 3.85 -20.25
CA VAL A 252 -12.79 5.21 -20.65
C VAL A 252 -13.28 5.96 -19.43
N TYR A 253 -12.54 7.00 -19.04
CA TYR A 253 -12.95 7.89 -17.96
C TYR A 253 -13.79 9.00 -18.59
N GLU A 254 -15.11 8.79 -18.65
CA GLU A 254 -15.98 9.70 -19.36
C GLU A 254 -15.84 11.11 -18.82
N GLY A 255 -15.72 12.08 -19.73
CA GLY A 255 -15.60 13.48 -19.35
C GLY A 255 -14.22 13.91 -18.95
N PHE A 256 -13.23 13.01 -18.99
CA PHE A 256 -11.86 13.36 -18.65
C PHE A 256 -10.92 13.09 -19.82
N TRP A 257 -10.84 11.86 -20.30
CA TRP A 257 -10.11 11.56 -21.53
C TRP A 257 -11.09 11.03 -22.58
N GLU A 258 -10.74 11.25 -23.84
CA GLU A 258 -11.53 10.71 -24.94
C GLU A 258 -11.20 9.24 -25.18
N ASP A 259 -9.90 8.88 -25.10
CA ASP A 259 -9.46 7.51 -25.36
C ASP A 259 -9.39 6.70 -24.07
N PRO A 260 -9.62 5.39 -24.14
CA PRO A 260 -9.44 4.55 -22.96
C PRO A 260 -7.99 4.63 -22.49
N LYS A 261 -7.80 4.35 -21.19
CA LYS A 261 -6.49 4.46 -20.55
C LYS A 261 -6.23 3.22 -19.70
N GLU A 262 -5.00 2.74 -19.73
CA GLU A 262 -4.59 1.54 -19.03
C GLU A 262 -3.93 1.91 -17.71
N PHE A 263 -4.41 1.31 -16.62
CA PHE A 263 -3.80 1.46 -15.31
C PHE A 263 -3.79 0.09 -14.63
N ALA A 264 -2.69 -0.20 -13.94
CA ALA A 264 -2.44 -1.51 -13.39
C ALA A 264 -3.24 -1.73 -12.10
N GLY A 265 -3.59 -2.98 -11.86
CA GLY A 265 -4.19 -3.38 -10.60
C GLY A 265 -3.16 -3.48 -9.49
N GLY A 266 -3.61 -4.01 -8.36
CA GLY A 266 -2.76 -4.07 -7.19
C GLY A 266 -1.55 -4.95 -7.41
N SER A 267 -0.49 -4.64 -6.66
CA SER A 267 0.73 -5.43 -6.63
C SER A 267 1.43 -5.18 -5.31
N ALA A 268 2.10 -6.20 -4.80
CA ALA A 268 2.86 -6.03 -3.57
C ALA A 268 3.97 -5.01 -3.74
N GLY A 269 4.39 -4.74 -4.98
CA GLY A 269 5.37 -3.71 -5.25
C GLY A 269 4.91 -2.30 -4.94
N GLN A 270 3.64 -2.11 -4.62
CA GLN A 270 3.13 -0.79 -4.26
C GLN A 270 3.40 -0.44 -2.80
N SER A 271 3.75 -1.42 -1.97
CA SER A 271 4.20 -1.15 -0.62
C SER A 271 5.63 -0.61 -0.67
N SER A 272 5.85 0.56 -0.07
CA SER A 272 7.19 1.13 -0.05
C SER A 272 8.14 0.41 0.90
N VAL A 273 7.69 -0.64 1.59
CA VAL A 273 8.53 -1.28 2.59
C VAL A 273 9.65 -2.08 1.94
N PHE A 274 9.34 -2.84 0.89
CA PHE A 274 10.37 -3.68 0.26
C PHE A 274 11.51 -2.82 -0.27
N GLN A 275 11.19 -1.75 -1.01
CA GLN A 275 12.25 -0.95 -1.62
C GLN A 275 12.97 -0.10 -0.58
N CYS A 276 12.25 0.39 0.44
CA CYS A 276 12.88 1.23 1.46
C CYS A 276 14.10 0.55 2.06
N PHE A 277 13.96 -0.72 2.44
CA PHE A 277 15.03 -1.45 3.09
C PHE A 277 15.90 -2.21 2.11
N ASP A 278 15.43 -2.44 0.88
CA ASP A 278 16.32 -2.86 -0.19
C ASP A 278 17.42 -1.82 -0.40
N VAL A 279 17.02 -0.55 -0.48
CA VAL A 279 17.98 0.53 -0.74
C VAL A 279 18.89 0.72 0.46
N LEU A 280 18.31 0.79 1.66
CA LEU A 280 19.10 1.00 2.87
C LEU A 280 20.20 -0.05 2.98
N LEU A 281 19.88 -1.31 2.71
CA LEU A 281 20.81 -2.40 2.86
C LEU A 281 21.59 -2.69 1.58
N GLY A 282 21.49 -1.85 0.56
CA GLY A 282 22.15 -2.10 -0.69
C GLY A 282 21.92 -3.51 -1.21
N ILE A 283 20.72 -4.05 -0.96
CA ILE A 283 20.36 -5.39 -1.47
C ILE A 283 19.43 -5.23 -2.67
N GLN A 284 19.58 -4.10 -3.37
CA GLN A 284 18.71 -3.78 -4.50
C GLN A 284 19.02 -4.64 -5.72
N GLN A 285 17.96 -5.06 -6.41
CA GLN A 285 18.08 -5.95 -7.57
C GLN A 285 18.75 -5.25 -8.75
N HIS A 291 12.82 -5.98 -17.44
CA HIS A 291 11.36 -5.94 -17.52
C HIS A 291 10.74 -6.00 -16.13
N ALA A 292 11.38 -6.74 -15.23
CA ALA A 292 10.95 -6.72 -13.83
C ALA A 292 11.35 -5.40 -13.17
N ALA A 293 12.51 -4.84 -13.56
CA ALA A 293 12.87 -3.52 -13.09
C ALA A 293 11.96 -2.45 -13.68
N GLN A 294 11.33 -2.73 -14.82
CA GLN A 294 10.37 -1.80 -15.41
C GLN A 294 9.02 -1.86 -14.69
N PHE A 295 8.61 -3.05 -14.25
CA PHE A 295 7.38 -3.17 -13.48
C PHE A 295 7.57 -2.72 -12.04
N LEU A 296 8.79 -2.88 -11.49
CA LEU A 296 9.08 -2.38 -10.16
C LEU A 296 9.03 -0.86 -10.12
N GLN A 297 9.69 -0.21 -11.09
CA GLN A 297 9.67 1.24 -11.13
C GLN A 297 8.26 1.77 -11.41
N ASP A 298 7.51 1.08 -12.28
CA ASP A 298 6.15 1.52 -12.56
C ASP A 298 5.29 1.48 -11.30
N MET A 299 5.36 0.39 -10.54
CA MET A 299 4.60 0.33 -9.30
C MET A 299 5.06 1.40 -8.31
N ARG A 300 6.30 1.89 -8.45
CA ARG A 300 6.75 2.99 -7.62
C ARG A 300 5.94 4.25 -7.89
N ARG A 301 5.49 4.44 -9.13
CA ARG A 301 4.66 5.59 -9.47
C ARG A 301 3.23 5.43 -8.96
N TYR A 302 2.87 4.25 -8.43
CA TYR A 302 1.59 4.04 -7.78
C TYR A 302 1.67 4.28 -6.27
N MET A 303 2.86 4.53 -5.74
CA MET A 303 3.02 4.97 -4.36
C MET A 303 2.75 6.47 -4.25
N PRO A 304 2.41 6.96 -3.07
CA PRO A 304 2.24 8.41 -2.90
C PRO A 304 3.51 9.15 -3.30
N PRO A 305 3.39 10.31 -3.94
CA PRO A 305 4.60 10.98 -4.47
C PRO A 305 5.65 11.26 -3.41
N ALA A 306 5.23 11.75 -2.23
CA ALA A 306 6.18 12.00 -1.17
C ALA A 306 6.98 10.76 -0.80
N HIS A 307 6.36 9.58 -0.90
CA HIS A 307 7.06 8.35 -0.54
C HIS A 307 8.06 7.95 -1.62
N ARG A 308 7.75 8.20 -2.89
CA ARG A 308 8.74 8.04 -3.94
C ARG A 308 9.97 8.89 -3.65
N ASN A 309 9.75 10.14 -3.26
CA ASN A 309 10.87 11.05 -3.01
C ASN A 309 11.70 10.59 -1.82
N PHE A 310 11.07 9.93 -0.84
CA PHE A 310 11.85 9.37 0.25
C PHE A 310 12.72 8.23 -0.24
N LEU A 311 12.18 7.35 -1.07
CA LEU A 311 12.98 6.25 -1.61
C LEU A 311 14.15 6.80 -2.42
N CYS A 312 13.95 7.90 -3.14
CA CYS A 312 15.02 8.43 -3.99
C CYS A 312 16.11 9.08 -3.13
N SER A 313 15.71 9.84 -2.11
CA SER A 313 16.70 10.43 -1.21
C SER A 313 17.52 9.35 -0.51
N LEU A 314 16.92 8.20 -0.21
CA LEU A 314 17.66 7.12 0.43
C LEU A 314 18.75 6.59 -0.49
N GLU A 315 18.46 6.48 -1.79
CA GLU A 315 19.45 6.02 -2.75
C GLU A 315 20.62 6.97 -2.90
N SER A 316 20.50 8.20 -2.39
CA SER A 316 21.56 9.21 -2.50
C SER A 316 22.46 9.26 -1.27
N ASN A 317 22.21 8.45 -0.26
CA ASN A 317 23.04 8.39 0.93
C ASN A 317 24.16 7.39 0.74
N PRO A 318 25.17 7.43 1.60
CA PRO A 318 26.24 6.44 1.53
C PRO A 318 25.72 5.02 1.79
N SER A 319 26.46 4.04 1.31
CA SER A 319 26.07 2.65 1.43
C SER A 319 26.42 2.10 2.81
N VAL A 320 25.43 1.49 3.46
CA VAL A 320 25.65 0.88 4.76
C VAL A 320 26.38 -0.45 4.62
N ARG A 321 26.02 -1.23 3.59
CA ARG A 321 26.67 -2.51 3.35
C ARG A 321 28.18 -2.36 3.27
N GLU A 322 28.64 -1.45 2.42
CA GLU A 322 30.08 -1.22 2.27
C GLU A 322 30.73 -0.82 3.58
N PHE A 323 30.15 0.17 4.27
CA PHE A 323 30.66 0.61 5.56
C PHE A 323 30.82 -0.57 6.51
N VAL A 324 29.79 -1.43 6.58
CA VAL A 324 29.77 -2.48 7.59
C VAL A 324 30.83 -3.53 7.31
N LEU A 325 31.02 -3.88 6.03
CA LEU A 325 31.91 -4.97 5.67
C LEU A 325 33.37 -4.56 5.66
N SER A 326 33.66 -3.26 5.79
CA SER A 326 35.03 -2.77 5.87
C SER A 326 35.55 -2.67 7.30
N LYS A 327 34.73 -3.02 8.29
CA LYS A 327 35.05 -2.78 9.69
C LYS A 327 35.80 -3.93 10.36
N GLY A 328 35.87 -5.09 9.72
CA GLY A 328 36.30 -6.27 10.47
C GLY A 328 35.56 -6.42 11.77
N ASP A 329 34.26 -6.11 11.74
CA ASP A 329 33.42 -6.00 12.94
C ASP A 329 32.30 -7.03 12.83
N ALA A 330 32.44 -8.13 13.58
CA ALA A 330 31.51 -9.23 13.46
C ALA A 330 30.10 -8.81 13.89
N GLY A 331 30.00 -8.01 14.95
CA GLY A 331 28.70 -7.59 15.42
C GLY A 331 27.96 -6.74 14.40
N LEU A 332 28.68 -5.81 13.76
CA LEU A 332 28.07 -4.99 12.72
C LEU A 332 27.65 -5.83 11.53
N ARG A 333 28.49 -6.77 11.11
CA ARG A 333 28.14 -7.61 9.98
C ARG A 333 26.95 -8.50 10.31
N GLU A 334 26.88 -9.00 11.56
CA GLU A 334 25.77 -9.86 11.96
C GLU A 334 24.49 -9.07 12.15
N ALA A 335 24.61 -7.79 12.53
CA ALA A 335 23.42 -6.94 12.60
C ALA A 335 22.93 -6.57 11.20
N TYR A 336 23.87 -6.32 10.28
CA TYR A 336 23.48 -6.11 8.88
C TYR A 336 22.82 -7.35 8.30
N ASP A 337 23.41 -8.52 8.54
CA ASP A 337 22.87 -9.77 8.02
C ASP A 337 21.50 -10.08 8.63
N ALA A 338 21.27 -9.71 9.88
CA ALA A 338 19.95 -9.90 10.48
C ALA A 338 18.92 -9.04 9.79
N CYS A 339 19.31 -7.86 9.31
CA CYS A 339 18.38 -7.02 8.57
C CYS A 339 18.04 -7.63 7.22
N VAL A 340 19.05 -8.10 6.49
CA VAL A 340 18.80 -8.68 5.18
C VAL A 340 17.99 -9.95 5.33
N LYS A 341 18.35 -10.79 6.30
CA LYS A 341 17.60 -12.02 6.52
C LYS A 341 16.13 -11.71 6.82
N ALA A 342 15.88 -10.71 7.66
CA ALA A 342 14.51 -10.31 7.95
C ALA A 342 13.78 -9.94 6.66
N LEU A 343 14.44 -9.19 5.78
CA LEU A 343 13.78 -8.74 4.55
C LEU A 343 13.57 -9.92 3.61
N VAL A 344 14.54 -10.83 3.55
CA VAL A 344 14.41 -12.00 2.68
C VAL A 344 13.26 -12.89 3.16
N SER A 345 13.08 -13.00 4.48
CA SER A 345 12.01 -13.83 5.01
C SER A 345 10.64 -13.23 4.70
N LEU A 346 10.54 -11.90 4.69
CA LEU A 346 9.27 -11.26 4.31
C LEU A 346 8.93 -11.54 2.86
N ARG A 347 9.94 -11.53 1.99
CA ARG A 347 9.71 -11.79 0.58
C ARG A 347 9.38 -13.25 0.35
N SER A 348 10.03 -14.16 1.08
CA SER A 348 9.68 -15.57 1.01
C SER A 348 8.23 -15.77 1.42
N TYR A 349 7.80 -15.10 2.50
CA TYR A 349 6.42 -15.28 2.96
C TYR A 349 5.42 -14.69 1.98
N HIS A 350 5.79 -13.61 1.30
CA HIS A 350 4.92 -13.07 0.25
C HIS A 350 4.77 -14.04 -0.90
N LEU A 351 5.85 -14.77 -1.24
CA LEU A 351 5.75 -15.77 -2.28
C LEU A 351 4.97 -16.99 -1.81
N GLN A 352 5.06 -17.32 -0.51
CA GLN A 352 4.23 -18.39 0.04
C GLN A 352 2.75 -18.02 0.01
N ILE A 353 2.44 -16.76 0.32
CA ILE A 353 1.04 -16.31 0.30
C ILE A 353 0.53 -16.24 -1.13
N VAL A 354 1.38 -15.85 -2.08
CA VAL A 354 0.98 -15.87 -3.48
C VAL A 354 0.68 -17.30 -3.92
N THR A 355 1.46 -18.26 -3.42
CA THR A 355 1.28 -19.66 -3.81
C THR A 355 0.01 -20.23 -3.19
N LYS A 356 -0.26 -19.92 -1.92
CA LYS A 356 -1.42 -20.49 -1.25
C LYS A 356 -2.72 -19.79 -1.64
N TYR A 357 -2.67 -18.49 -1.91
CA TYR A 357 -3.88 -17.70 -2.10
C TYR A 357 -4.17 -17.33 -3.55
N ILE A 358 -3.28 -17.63 -4.47
CA ILE A 358 -3.53 -17.33 -5.89
C ILE A 358 -3.25 -18.56 -6.74
N LEU A 359 -2.03 -19.08 -6.65
CA LEU A 359 -1.59 -20.12 -7.59
C LEU A 359 -2.37 -21.42 -7.38
N ILE A 360 -2.49 -21.86 -6.14
CA ILE A 360 -3.20 -23.10 -5.83
C ILE A 360 -4.67 -22.93 -6.17
N PRO A 361 -5.37 -21.92 -5.64
CA PRO A 361 -6.79 -21.75 -6.02
C PRO A 361 -6.99 -21.66 -7.53
N ALA A 362 -6.03 -21.07 -8.25
CA ALA A 362 -6.13 -21.03 -9.70
C ALA A 362 -6.02 -22.42 -10.31
N SER A 363 -5.23 -23.30 -9.70
N SER A 363 -5.25 -23.31 -9.69
CA SER A 363 -5.15 -24.68 -10.18
CA SER A 363 -5.15 -24.68 -10.18
C SER A 363 -6.49 -25.39 -10.02
C SER A 363 -6.46 -25.42 -9.99
N GLN A 364 -7.11 -25.24 -8.85
CA GLN A 364 -8.37 -25.93 -8.57
C GLN A 364 -9.56 -25.10 -9.06
N THR A 394 12.18 -13.41 -8.13
CA THR A 394 13.64 -13.44 -8.21
C THR A 394 14.24 -12.30 -7.40
N VAL A 395 13.38 -11.38 -6.94
CA VAL A 395 13.83 -10.34 -6.03
C VAL A 395 14.41 -10.96 -4.76
N ARG A 396 13.79 -12.04 -4.28
CA ARG A 396 14.31 -12.73 -3.11
C ARG A 396 15.73 -13.24 -3.34
N SER A 397 16.02 -13.67 -4.57
CA SER A 397 17.35 -14.20 -4.87
C SER A 397 18.41 -13.09 -4.82
N THR A 398 18.12 -11.96 -5.47
CA THR A 398 19.06 -10.84 -5.47
C THR A 398 19.36 -10.39 -4.04
N THR A 399 18.35 -10.43 -3.17
CA THR A 399 18.51 -9.99 -1.79
C THR A 399 19.28 -11.01 -0.97
N GLU A 400 18.99 -12.29 -1.17
CA GLU A 400 19.73 -13.34 -0.49
C GLU A 400 21.15 -13.47 -1.01
N LYS A 401 21.41 -12.94 -2.21
CA LYS A 401 22.77 -12.89 -2.74
C LYS A 401 23.60 -11.82 -2.06
N SER A 402 22.95 -10.74 -1.64
CA SER A 402 23.63 -9.63 -0.99
C SER A 402 23.46 -9.78 0.53
N LEU A 403 24.13 -10.81 1.05
CA LEU A 403 24.13 -11.07 2.47
C LEU A 403 25.48 -10.77 3.12
N LEU A 404 26.53 -11.51 2.73
CA LEU A 404 27.84 -11.48 3.39
C LEU A 404 27.86 -10.61 4.64
C1 PGE B . -19.74 -13.15 -3.44
O1 PGE B . -19.86 -14.05 -4.53
C2 PGE B . -19.21 -13.94 -2.26
O2 PGE B . -18.67 -13.09 -1.27
C3 PGE B . -17.50 -13.59 -0.63
C4 PGE B . -17.70 -14.88 0.13
O4 PGE B . -16.79 -18.78 -2.29
C6 PGE B . -16.21 -17.85 -1.41
C5 PGE B . -17.11 -16.62 -1.37
O3 PGE B . -16.74 -15.83 -0.26
H1 PGE B . -19.14 -12.42 -3.62
H12 PGE B . -20.60 -12.76 -3.18
HO1 PGE B . -19.73 -14.84 -4.24
H2 PGE B . -19.93 -14.47 -1.90
H22 PGE B . -18.53 -14.55 -2.60
H3 PGE B . -16.81 -13.73 -1.29
H32 PGE B . -17.17 -12.92 -0.01
H4 PGE B . -17.63 -14.68 1.08
H42 PGE B . -18.60 -15.19 -0.02
HO4 PGE B . -16.26 -19.42 -2.40
H6 PGE B . -16.12 -18.20 -0.52
H62 PGE B . -15.32 -17.58 -1.70
H5 PGE B . -18.04 -16.90 -1.31
H52 PGE B . -17.03 -16.12 -2.20
C1 PGE C . -30.29 -5.63 -0.97
O1 PGE C . -30.81 -5.20 0.26
C2 PGE C . -29.12 -6.57 -0.74
O2 PGE C . -29.59 -7.87 -0.56
C3 PGE C . -29.84 -8.61 -1.74
C4 PGE C . -28.69 -9.51 -2.12
O4 PGE C . -31.14 -9.98 -5.60
C6 PGE C . -30.90 -10.61 -4.36
C5 PGE C . -29.40 -10.56 -4.10
O3 PGE C . -29.17 -10.68 -2.73
H1 PGE C . -30.94 -6.10 -1.51
H12 PGE C . -29.96 -4.88 -1.51
HO1 PGE C . -30.53 -5.72 0.87
H2 PGE C . -28.52 -6.51 -1.49
H22 PGE C . -28.64 -6.27 0.04
H3 PGE C . -30.63 -9.16 -1.62
H32 PGE C . -30.02 -8.02 -2.48
H4 PGE C . -28.10 -9.02 -2.71
H42 PGE C . -28.17 -9.71 -1.33
HO4 PGE C . -30.78 -9.21 -5.59
H6 PGE C . -31.20 -11.53 -4.35
H62 PGE C . -31.35 -10.16 -3.63
H5 PGE C . -29.04 -9.73 -4.44
H52 PGE C . -28.96 -11.28 -4.60
C1 A1JGL D . -4.55 -2.63 -4.69
C10 A1JGL D . -0.28 -9.71 -1.17
C11 A1JGL D . -0.79 -8.43 -1.32
C12 A1JGL D . -1.44 -8.09 -2.50
C13 A1JGL D . -1.58 -8.99 -3.54
C14 A1JGL D . -2.31 -8.60 -4.83
C15 A1JGL D . -1.65 -9.20 -6.06
C16 A1JGL D . -3.76 -9.10 -4.74
C17 A1JGL D . -2.37 -7.09 -5.06
C18 A1JGL D . -1.07 -10.27 -3.36
C19 A1JGL D . -0.41 -10.64 -2.19
C2 A1JGL D . -3.61 -3.30 -3.72
C20 A1JGL D . 0.70 -8.39 2.38
C21 A1JGL D . 1.61 -7.23 2.73
C22 A1JGL D . 2.34 -7.53 4.03
C23 A1JGL D . 3.83 -7.36 3.96
C24 A1JGL D . 4.39 -8.09 2.70
C25 A1JGL D . 3.96 -6.81 1.91
C26 A1JGL D . 4.25 -6.04 3.24
C27 A1JGL D . 3.44 -4.79 3.59
C28 A1JGL D . 5.73 -5.72 3.44
C29 A1JGL D . -3.23 -4.71 -1.79
C3 A1JGL D . -2.22 -3.15 -3.83
C30 A1JGL D . -4.09 -4.08 -2.69
C4 A1JGL D . -1.36 -3.76 -2.94
C5 A1JGL D . -1.85 -4.55 -1.91
C6 A1JGL D . 0.29 -5.01 -0.74
C7 A1JGL D . 2.04 -5.67 0.75
C8 A1JGL D . 2.48 -6.91 1.51
C9 A1JGL D . 2.28 -8.11 0.56
N1 A1JGL D . -1.03 -5.21 -0.98
N2 A1JGL D . 0.99 -8.70 0.96
O1 A1JGL D . 1.02 -4.27 -1.35
O2 A1JGL D . 0.67 -5.81 0.28
O3 A1JGL D . -0.46 -10.65 1.22
O4 A1JGL D . 1.70 -10.88 0.06
S1 A1JGL D . 0.52 -10.13 0.33
H3 A1JGL D . -5.35 -2.36 -4.23
H1 A1JGL D . -4.77 -3.26 -5.40
H2 A1JGL D . -4.11 -1.85 -5.08
H11 A1JGL D . -0.69 -7.79 -0.63
H12 A1JGL D . -1.78 -7.21 -2.59
H14 A1JGL D . -1.76 -10.17 -6.04
H15 A1JGL D . -0.71 -8.98 -6.07
H13 A1JGL D . -2.08 -8.85 -6.87
H16 A1JGL D . -3.76 -10.07 -4.74
H17 A1JGL D . -4.26 -8.77 -5.49
H18 A1JGL D . -4.17 -8.78 -3.91
H20 A1JGL D . -2.87 -6.67 -4.34
H21 A1JGL D . -2.80 -6.90 -5.91
H19 A1JGL D . -1.46 -6.73 -5.07
H22 A1JGL D . -1.17 -10.90 -4.04
H23 A1JGL D . -0.08 -11.50 -2.09
H24 A1JGL D . 0.90 -9.18 2.95
H25 A1JGL D . -0.26 -8.14 2.49
H26 A1JGL D . 1.12 -6.38 2.78
H27 A1JGL D . 2.14 -8.45 4.30
H28 A1JGL D . 1.99 -6.93 4.73
H29 A1JGL D . 4.31 -7.56 4.81
H31 A1JGL D . 3.89 -8.91 2.44
H30 A1JGL D . 5.36 -8.25 2.71
H32 A1JGL D . 4.54 -6.50 1.16
H34 A1JGL D . 2.50 -5.00 3.55
H35 A1JGL D . 3.66 -4.09 2.95
H33 A1JGL D . 3.67 -4.50 4.50
H38 A1JGL D . 6.26 -6.26 2.84
H36 A1JGL D . 5.98 -5.89 4.36
H37 A1JGL D . 5.88 -4.77 3.24
H39 A1JGL D . -3.59 -5.24 -1.10
H4 A1JGL D . -1.88 -2.62 -4.53
H40 A1JGL D . -5.02 -4.19 -2.59
H5 A1JGL D . -0.43 -3.65 -3.04
H8 A1JGL D . 2.63 -5.52 0.00
H7 A1JGL D . 2.09 -4.90 1.35
H9 A1JGL D . 2.25 -7.80 -0.38
H10 A1JGL D . 3.02 -8.75 0.65
H6 A1JGL D . -1.41 -5.81 -0.49
#